data_6WKJ
#
_entry.id   6WKJ
#
_cell.length_a   182.026
_cell.length_b   182.026
_cell.length_c   56.425
_cell.angle_alpha   90.000
_cell.angle_beta   90.000
_cell.angle_gamma   120.000
#
_symmetry.space_group_name_H-M   'P 63'
#
loop_
_entity.id
_entity.type
_entity.pdbx_description
1 polymer 'Pentalenene synthase'
2 non-polymer '(2E,6E)-12-fluoro-11-(fluoromethyl)-3,7-dimethyldodeca-2,6,10-trien-1-yl trihydrogen diphosphate'
3 water water
#
_entity_poly.entity_id   1
_entity_poly.type   'polypeptide(L)'
_entity_poly.pdbx_seq_one_letter_code
;MPQDVDFHIPLPGRQSPDHARAEAEQLAWPRSLGLIRSDAAAERHLRGGYADLASRFYPHATGADLDLGVDLMSWHFLFD
DLFDGPRGENPEDTKQLTDQVAAALDGPLPDTAPPIAHGFADIWRRTCEGMTPAWCARSARHWRNYFDGYVDEAESRFWN
APCDSAAQYLAMRRHTIGVQPTVDLAERAGRFEVPHRVFDSAVMSAMLQIAVDVNLLLNDIASLEKEEARGEQNNMVMIL
RREHGWSKSRSVSHMQNEVRARLEQYLLLESCLPKVGEIYQLDTAEREALERYRTDAVRTVIRGSYDWHRSSGRYDAEFA
LAAGAQGYLEELGSSAH
;
_entity_poly.pdbx_strand_id   A,B
#
loop_
_chem_comp.id
_chem_comp.type
_chem_comp.name
_chem_comp.formula
FDF non-polymer '(2E,6E)-12-fluoro-11-(fluoromethyl)-3,7-dimethyldodeca-2,6,10-trien-1-yl trihydrogen diphosphate' 'C15 H26 F2 O7 P2'
#
# COMPACT_ATOMS: atom_id res chain seq x y z
N ILE A 9 3.99 8.84 -23.65
CA ILE A 9 4.35 7.45 -23.38
C ILE A 9 5.54 7.04 -24.22
N PRO A 10 6.76 7.30 -23.72
CA PRO A 10 7.97 6.89 -24.45
C PRO A 10 8.21 5.39 -24.44
N LEU A 11 7.17 4.59 -24.69
CA LEU A 11 7.29 3.15 -24.77
C LEU A 11 6.86 2.68 -26.17
N PRO A 12 7.53 1.68 -26.73
CA PRO A 12 7.18 1.23 -28.08
C PRO A 12 5.81 0.54 -28.12
N GLY A 13 5.06 0.80 -29.19
CA GLY A 13 3.81 0.07 -29.41
C GLY A 13 4.12 -1.31 -29.94
N ARG A 14 3.41 -2.32 -29.43
CA ARG A 14 3.67 -3.71 -29.76
C ARG A 14 2.36 -4.48 -29.84
N GLN A 15 2.31 -5.46 -30.73
CA GLN A 15 1.14 -6.30 -30.87
C GLN A 15 1.59 -7.70 -31.22
N SER A 16 0.94 -8.69 -30.63
CA SER A 16 1.28 -10.07 -30.88
C SER A 16 1.14 -10.40 -32.38
N PRO A 17 2.08 -11.16 -32.94
CA PRO A 17 1.94 -11.58 -34.35
C PRO A 17 0.78 -12.53 -34.59
N ASP A 18 0.18 -13.09 -33.53
CA ASP A 18 -0.95 -13.99 -33.70
C ASP A 18 -2.28 -13.28 -33.46
N HIS A 19 -2.28 -11.94 -33.54
CA HIS A 19 -3.47 -11.19 -33.16
C HIS A 19 -4.69 -11.51 -34.03
N ALA A 20 -4.47 -11.82 -35.32
CA ALA A 20 -5.60 -12.01 -36.22
C ALA A 20 -6.34 -13.30 -35.93
N ARG A 21 -5.60 -14.39 -35.64
CA ARG A 21 -6.28 -15.62 -35.24
C ARG A 21 -7.00 -15.43 -33.91
N ALA A 22 -6.37 -14.72 -32.96
CA ALA A 22 -6.98 -14.56 -31.64
C ALA A 22 -8.28 -13.77 -31.74
N GLU A 23 -8.30 -12.74 -32.57
CA GLU A 23 -9.51 -11.94 -32.71
C GLU A 23 -10.59 -12.73 -33.42
N ALA A 24 -10.22 -13.53 -34.44
CA ALA A 24 -11.19 -14.33 -35.18
C ALA A 24 -11.86 -15.38 -34.29
N GLU A 25 -11.16 -15.92 -33.30
CA GLU A 25 -11.69 -17.01 -32.50
C GLU A 25 -12.19 -16.55 -31.15
N GLN A 26 -12.18 -15.23 -30.90
CA GLN A 26 -12.42 -14.69 -29.57
C GLN A 26 -13.81 -15.02 -29.02
N LEU A 27 -14.78 -15.40 -29.86
CA LEU A 27 -16.14 -15.61 -29.38
C LEU A 27 -16.39 -17.03 -28.92
N ALA A 28 -15.57 -18.00 -29.35
CA ALA A 28 -15.84 -19.39 -29.03
C ALA A 28 -15.85 -19.63 -27.54
N TRP A 29 -14.93 -18.98 -26.80
CA TRP A 29 -14.85 -19.24 -25.37
C TRP A 29 -16.02 -18.65 -24.59
N PRO A 30 -16.34 -17.35 -24.68
CA PRO A 30 -17.47 -16.83 -23.91
C PRO A 30 -18.81 -17.44 -24.31
N ARG A 31 -18.94 -17.96 -25.54
CA ARG A 31 -20.18 -18.61 -25.92
C ARG A 31 -20.28 -20.00 -25.30
N SER A 32 -19.19 -20.75 -25.27
CA SER A 32 -19.25 -22.10 -24.71
C SER A 32 -19.45 -22.08 -23.20
N LEU A 33 -19.16 -20.96 -22.56
CA LEU A 33 -19.35 -20.81 -21.12
C LEU A 33 -20.62 -20.05 -20.77
N GLY A 34 -21.46 -19.76 -21.76
CA GLY A 34 -22.74 -19.11 -21.48
C GLY A 34 -22.65 -17.66 -21.12
N LEU A 35 -21.51 -17.02 -21.40
CA LEU A 35 -21.36 -15.58 -21.13
C LEU A 35 -22.00 -14.73 -22.21
N ILE A 36 -22.05 -15.23 -23.44
CA ILE A 36 -22.67 -14.54 -24.57
C ILE A 36 -23.69 -15.50 -25.15
N ARG A 37 -24.96 -15.09 -25.16
CA ARG A 37 -26.02 -16.01 -25.50
C ARG A 37 -26.87 -15.56 -26.68
N SER A 38 -26.56 -14.43 -27.31
CA SER A 38 -27.31 -13.93 -28.46
C SER A 38 -26.37 -13.35 -29.49
N ASP A 39 -26.79 -13.37 -30.75
CA ASP A 39 -25.98 -12.79 -31.80
C ASP A 39 -25.77 -11.30 -31.59
N ALA A 40 -26.75 -10.61 -30.99
CA ALA A 40 -26.55 -9.19 -30.74
C ALA A 40 -25.51 -8.97 -29.65
N ALA A 41 -25.49 -9.85 -28.64
CA ALA A 41 -24.48 -9.72 -27.59
C ALA A 41 -23.10 -10.03 -28.14
N ALA A 42 -23.01 -11.01 -29.05
CA ALA A 42 -21.77 -11.30 -29.74
C ALA A 42 -21.25 -10.08 -30.48
N GLU A 43 -22.09 -9.43 -31.29
CA GLU A 43 -21.67 -8.25 -32.04
C GLU A 43 -21.21 -7.15 -31.09
N ARG A 44 -21.96 -6.90 -30.02
CA ARG A 44 -21.54 -5.90 -29.04
C ARG A 44 -20.19 -6.26 -28.43
N HIS A 45 -19.94 -7.55 -28.18
CA HIS A 45 -18.62 -7.96 -27.71
C HIS A 45 -17.55 -7.64 -28.74
N LEU A 46 -17.76 -8.05 -30.00
CA LEU A 46 -16.81 -7.77 -31.07
C LEU A 46 -16.49 -6.29 -31.18
N ARG A 47 -17.47 -5.42 -30.92
CA ARG A 47 -17.22 -3.99 -31.04
C ARG A 47 -16.32 -3.46 -29.93
N GLY A 48 -16.11 -4.24 -28.86
CA GLY A 48 -15.23 -3.77 -27.81
C GLY A 48 -13.76 -3.75 -28.16
N GLY A 49 -13.34 -4.59 -29.10
CA GLY A 49 -11.93 -4.70 -29.46
C GLY A 49 -11.11 -5.37 -28.38
N TYR A 50 -11.65 -6.42 -27.76
CA TYR A 50 -11.04 -6.95 -26.54
C TYR A 50 -9.85 -7.87 -26.85
N ALA A 51 -9.95 -8.65 -27.94
CA ALA A 51 -8.78 -9.43 -28.35
C ALA A 51 -7.68 -8.51 -28.87
N ASP A 52 -8.06 -7.45 -29.57
CA ASP A 52 -7.07 -6.47 -29.99
C ASP A 52 -6.33 -5.91 -28.79
N LEU A 53 -7.08 -5.57 -27.73
CA LEU A 53 -6.46 -5.06 -26.51
C LEU A 53 -5.55 -6.10 -25.87
N ALA A 54 -5.99 -7.36 -25.82
CA ALA A 54 -5.16 -8.41 -25.24
C ALA A 54 -3.87 -8.60 -26.03
N SER A 55 -3.96 -8.52 -27.36
CA SER A 55 -2.81 -8.70 -28.23
C SER A 55 -1.80 -7.58 -28.06
N ARG A 56 -2.21 -6.46 -27.48
CA ARG A 56 -1.30 -5.38 -27.16
C ARG A 56 -0.79 -5.46 -25.72
N PHE A 57 -1.64 -5.90 -24.78
CA PHE A 57 -1.15 -6.18 -23.43
C PHE A 57 -0.14 -7.33 -23.43
N TYR A 58 -0.31 -8.30 -24.33
CA TYR A 58 0.48 -9.53 -24.34
C TYR A 58 1.09 -9.78 -25.72
N PRO A 59 1.89 -8.85 -26.23
CA PRO A 59 2.50 -9.06 -27.57
C PRO A 59 3.41 -10.25 -27.62
N HIS A 60 3.92 -10.70 -26.46
CA HIS A 60 4.83 -11.83 -26.35
C HIS A 60 4.12 -13.17 -26.35
N ALA A 61 2.78 -13.16 -26.37
CA ALA A 61 1.99 -14.36 -26.27
C ALA A 61 1.43 -14.70 -27.65
N THR A 62 1.36 -15.99 -27.95
CA THR A 62 0.67 -16.50 -29.12
C THR A 62 -0.13 -17.73 -28.71
N GLY A 63 -0.94 -18.23 -29.64
CA GLY A 63 -1.64 -19.48 -29.43
C GLY A 63 -2.48 -19.48 -28.17
N ALA A 64 -2.46 -20.61 -27.46
CA ALA A 64 -3.25 -20.78 -26.25
C ALA A 64 -2.93 -19.73 -25.19
N ASP A 65 -1.66 -19.31 -25.09
CA ASP A 65 -1.28 -18.30 -24.12
C ASP A 65 -1.96 -16.97 -24.39
N LEU A 66 -2.09 -16.60 -25.68
CA LEU A 66 -2.77 -15.36 -26.02
C LEU A 66 -4.29 -15.51 -25.92
N ASP A 67 -4.82 -16.69 -26.24
CA ASP A 67 -6.23 -16.93 -26.02
C ASP A 67 -6.61 -16.73 -24.56
N LEU A 68 -5.73 -17.15 -23.64
CA LEU A 68 -6.01 -16.94 -22.22
C LEU A 68 -6.09 -15.45 -21.91
N GLY A 69 -5.23 -14.65 -22.53
CA GLY A 69 -5.28 -13.21 -22.31
C GLY A 69 -6.50 -12.57 -22.95
N VAL A 70 -6.92 -13.10 -24.11
CA VAL A 70 -8.14 -12.62 -24.75
C VAL A 70 -9.35 -12.93 -23.88
N ASP A 71 -9.43 -14.18 -23.40
CA ASP A 71 -10.51 -14.55 -22.50
C ASP A 71 -10.54 -13.66 -21.28
N LEU A 72 -9.38 -13.30 -20.73
CA LEU A 72 -9.37 -12.43 -19.55
C LEU A 72 -9.96 -11.06 -19.88
N MET A 73 -9.55 -10.46 -21.01
CA MET A 73 -10.19 -9.21 -21.42
C MET A 73 -11.68 -9.42 -21.66
N SER A 74 -12.04 -10.47 -22.40
CA SER A 74 -13.45 -10.79 -22.59
C SER A 74 -14.18 -10.87 -21.27
N TRP A 75 -13.65 -11.64 -20.32
CA TRP A 75 -14.35 -11.87 -19.06
C TRP A 75 -14.49 -10.59 -18.26
N HIS A 76 -13.45 -9.75 -18.24
CA HIS A 76 -13.50 -8.56 -17.39
C HIS A 76 -14.61 -7.62 -17.81
N PHE A 77 -14.79 -7.44 -19.13
CA PHE A 77 -15.77 -6.46 -19.57
C PHE A 77 -17.19 -7.02 -19.50
N LEU A 78 -17.35 -8.33 -19.74
CA LEU A 78 -18.61 -9.00 -19.46
C LEU A 78 -18.96 -8.93 -17.99
N PHE A 79 -17.95 -9.06 -17.11
CA PHE A 79 -18.19 -9.01 -15.67
C PHE A 79 -18.54 -7.60 -15.22
N ASP A 80 -17.75 -6.62 -15.64
CA ASP A 80 -17.99 -5.24 -15.24
C ASP A 80 -19.36 -4.76 -15.68
N ASP A 81 -19.87 -5.27 -16.81
CA ASP A 81 -21.17 -4.83 -17.30
C ASP A 81 -22.32 -5.28 -16.37
N LEU A 82 -22.13 -6.36 -15.61
CA LEU A 82 -23.15 -6.82 -14.68
C LEU A 82 -23.41 -5.84 -13.54
N PHE A 83 -22.59 -4.80 -13.39
CA PHE A 83 -22.76 -3.82 -12.33
C PHE A 83 -23.19 -2.46 -12.86
N ASP A 84 -23.48 -2.36 -14.16
CA ASP A 84 -23.90 -1.10 -14.74
C ASP A 84 -25.38 -0.85 -14.49
N PRO A 86 -28.29 -1.29 -11.42
CA PRO A 86 -28.79 -1.22 -10.04
C PRO A 86 -27.97 -2.06 -9.05
N ARG A 87 -27.53 -3.25 -9.46
CA ARG A 87 -26.66 -4.04 -8.61
C ARG A 87 -25.43 -3.25 -8.17
N GLY A 88 -24.83 -2.49 -9.10
CA GLY A 88 -23.70 -1.65 -8.76
C GLY A 88 -24.03 -0.50 -7.83
N GLU A 89 -25.31 -0.24 -7.59
CA GLU A 89 -25.73 0.81 -6.67
C GLU A 89 -26.13 0.19 -5.34
N PRO A 91 -24.25 -2.27 -2.58
CA PRO A 91 -23.12 -2.93 -1.94
C PRO A 91 -23.41 -4.39 -1.58
N GLU A 92 -24.61 -4.63 -1.05
CA GLU A 92 -24.99 -5.98 -0.65
C GLU A 92 -25.20 -6.88 -1.86
N ASP A 93 -25.91 -6.38 -2.87
CA ASP A 93 -26.12 -7.18 -4.07
C ASP A 93 -24.83 -7.33 -4.87
N THR A 94 -23.98 -6.30 -4.87
CA THR A 94 -22.67 -6.42 -5.50
C THR A 94 -21.85 -7.53 -4.85
N LYS A 95 -21.72 -7.48 -3.52
CA LYS A 95 -20.90 -8.47 -2.81
C LYS A 95 -21.45 -9.88 -2.98
N GLN A 96 -22.77 -10.02 -3.14
CA GLN A 96 -23.34 -11.35 -3.31
C GLN A 96 -22.87 -11.98 -4.60
N LEU A 97 -22.74 -11.19 -5.67
CA LEU A 97 -22.18 -11.73 -6.90
C LEU A 97 -20.68 -11.94 -6.78
N THR A 98 -19.95 -10.95 -6.24
CA THR A 98 -18.48 -11.08 -6.20
C THR A 98 -18.05 -12.28 -5.38
N ASP A 99 -18.70 -12.51 -4.23
CA ASP A 99 -18.35 -13.67 -3.40
C ASP A 99 -18.50 -14.97 -4.18
N GLN A 100 -19.54 -15.07 -5.02
CA GLN A 100 -19.73 -16.28 -5.81
C GLN A 100 -18.63 -16.44 -6.85
N VAL A 101 -18.13 -15.33 -7.40
CA VAL A 101 -17.04 -15.43 -8.36
C VAL A 101 -15.73 -15.71 -7.62
N ALA A 102 -15.41 -14.87 -6.63
CA ALA A 102 -14.19 -15.04 -5.85
C ALA A 102 -14.08 -16.41 -5.23
N ALA A 103 -15.21 -17.10 -5.01
CA ALA A 103 -15.19 -18.44 -4.44
C ALA A 103 -14.37 -19.39 -5.29
N ALA A 104 -14.29 -19.14 -6.60
CA ALA A 104 -13.49 -20.00 -7.47
C ALA A 104 -12.01 -20.01 -7.09
N LEU A 105 -11.54 -18.97 -6.40
CA LEU A 105 -10.13 -18.96 -5.99
C LEU A 105 -9.85 -20.00 -4.92
N ASP A 106 -10.85 -20.33 -4.09
CA ASP A 106 -10.70 -21.21 -2.94
C ASP A 106 -10.97 -22.67 -3.26
N GLY A 107 -11.63 -22.98 -4.37
CA GLY A 107 -11.89 -24.34 -4.77
C GLY A 107 -12.97 -24.44 -5.82
N PRO A 108 -13.40 -25.67 -6.14
CA PRO A 108 -14.39 -25.85 -7.21
C PRO A 108 -15.70 -25.16 -6.89
N LEU A 109 -16.33 -24.61 -7.94
CA LEU A 109 -17.62 -23.96 -7.75
C LEU A 109 -18.76 -24.98 -7.84
N PRO A 110 -19.87 -24.70 -7.16
CA PRO A 110 -21.08 -25.49 -7.38
C PRO A 110 -21.62 -25.24 -8.78
N ASP A 111 -22.23 -26.28 -9.37
CA ASP A 111 -22.82 -26.13 -10.69
C ASP A 111 -23.86 -25.03 -10.76
N THR A 112 -24.47 -24.68 -9.63
CA THR A 112 -25.44 -23.59 -9.61
C THR A 112 -24.82 -22.21 -9.73
N ALA A 113 -23.49 -22.09 -9.73
CA ALA A 113 -22.88 -20.77 -9.77
C ALA A 113 -23.23 -20.10 -11.10
N PRO A 114 -23.40 -18.78 -11.10
CA PRO A 114 -23.77 -18.10 -12.34
C PRO A 114 -22.70 -18.28 -13.38
N PRO A 115 -23.04 -18.19 -14.67
CA PRO A 115 -22.06 -18.42 -15.74
C PRO A 115 -20.82 -17.55 -15.63
N ILE A 116 -20.98 -16.28 -15.24
CA ILE A 116 -19.83 -15.40 -15.10
C ILE A 116 -18.83 -15.95 -14.08
N ALA A 117 -19.29 -16.72 -13.08
CA ALA A 117 -18.38 -17.32 -12.11
C ALA A 117 -17.68 -18.55 -12.69
N HIS A 118 -18.40 -19.39 -13.43
CA HIS A 118 -17.74 -20.50 -14.11
C HIS A 118 -16.74 -19.99 -15.14
N GLY A 119 -16.98 -18.80 -15.69
CA GLY A 119 -16.03 -18.24 -16.65
C GLY A 119 -14.73 -17.83 -15.98
N PHE A 120 -14.85 -17.08 -14.88
CA PHE A 120 -13.66 -16.74 -14.10
C PHE A 120 -12.91 -17.98 -13.68
N ALA A 121 -13.62 -19.00 -13.18
CA ALA A 121 -12.95 -20.23 -12.73
C ALA A 121 -12.17 -20.86 -13.87
N ASP A 122 -12.69 -20.81 -15.09
CA ASP A 122 -11.96 -21.41 -16.21
C ASP A 122 -10.71 -20.60 -16.53
N ILE A 123 -10.78 -19.28 -16.38
CA ILE A 123 -9.59 -18.44 -16.55
C ILE A 123 -8.59 -18.74 -15.45
N TRP A 124 -9.03 -18.71 -14.19
CA TRP A 124 -8.14 -18.91 -13.06
C TRP A 124 -7.48 -20.29 -13.10
N ARG A 125 -8.24 -21.33 -13.45
CA ARG A 125 -7.66 -22.66 -13.63
C ARG A 125 -6.51 -22.63 -14.61
N ARG A 126 -6.69 -21.96 -15.75
CA ARG A 126 -5.61 -21.90 -16.73
C ARG A 126 -4.49 -20.98 -16.29
N THR A 127 -4.82 -19.94 -15.52
CA THR A 127 -3.80 -18.99 -15.08
C THR A 127 -2.75 -19.64 -14.18
N CYS A 128 -3.17 -20.55 -13.30
CA CYS A 128 -2.27 -21.08 -12.28
C CYS A 128 -1.45 -22.25 -12.74
N GLU A 129 -1.99 -23.10 -13.60
CA GLU A 129 -1.26 -24.30 -14.00
C GLU A 129 0.11 -23.92 -14.54
N GLY A 130 1.14 -24.54 -13.97
CA GLY A 130 2.50 -24.32 -14.41
C GLY A 130 3.23 -23.21 -13.68
N MET A 131 2.54 -22.44 -12.85
CA MET A 131 3.17 -21.39 -12.06
C MET A 131 3.46 -21.90 -10.64
N THR A 132 4.41 -21.27 -9.98
CA THR A 132 4.72 -21.68 -8.61
C THR A 132 3.50 -21.43 -7.71
N PRO A 133 3.32 -22.25 -6.67
CA PRO A 133 2.21 -21.99 -5.73
C PRO A 133 2.21 -20.59 -5.15
N ALA A 134 3.38 -20.05 -4.83
CA ALA A 134 3.46 -18.70 -4.26
C ALA A 134 2.99 -17.66 -5.27
N TRP A 135 3.32 -17.84 -6.56
CA TRP A 135 2.77 -16.94 -7.57
C TRP A 135 1.24 -17.03 -7.61
N CYS A 136 0.71 -18.24 -7.57
CA CYS A 136 -0.74 -18.43 -7.54
C CYS A 136 -1.38 -17.71 -6.36
N ALA A 137 -0.84 -17.93 -5.15
CA ALA A 137 -1.39 -17.29 -3.96
C ALA A 137 -1.38 -15.77 -4.10
N ARG A 138 -0.28 -15.23 -4.62
CA ARG A 138 -0.19 -13.78 -4.77
C ARG A 138 -1.15 -13.27 -5.84
N SER A 139 -1.28 -14.03 -6.93
CA SER A 139 -2.26 -13.66 -7.96
C SER A 139 -3.68 -13.76 -7.42
N ALA A 140 -3.92 -14.74 -6.54
CA ALA A 140 -5.24 -14.87 -5.93
C ALA A 140 -5.57 -13.69 -5.05
N ARG A 141 -4.59 -13.17 -4.29
CA ARG A 141 -4.83 -11.98 -3.48
C ARG A 141 -5.18 -10.78 -4.36
N HIS A 142 -4.53 -10.69 -5.53
CA HIS A 142 -4.82 -9.57 -6.42
C HIS A 142 -6.26 -9.61 -6.89
N TRP A 143 -6.74 -10.80 -7.22
CA TRP A 143 -8.15 -10.96 -7.58
C TRP A 143 -9.07 -10.56 -6.45
N ARG A 144 -8.82 -11.04 -5.22
CA ARG A 144 -9.67 -10.64 -4.10
C ARG A 144 -9.67 -9.13 -3.93
N ASN A 145 -8.52 -8.48 -4.11
CA ASN A 145 -8.50 -7.02 -4.04
C ASN A 145 -9.37 -6.42 -5.13
N TYR A 146 -9.37 -7.04 -6.31
CA TYR A 146 -10.22 -6.60 -7.42
C TYR A 146 -11.68 -6.76 -7.06
N PHE A 147 -12.08 -7.95 -6.60
CA PHE A 147 -13.47 -8.16 -6.23
C PHE A 147 -13.88 -7.24 -5.08
N ASP A 148 -13.02 -7.08 -4.08
CA ASP A 148 -13.33 -6.16 -2.99
C ASP A 148 -13.51 -4.74 -3.49
N GLY A 149 -12.80 -4.35 -4.54
CA GLY A 149 -12.93 -3.00 -5.06
C GLY A 149 -14.32 -2.72 -5.61
N TYR A 150 -14.95 -3.72 -6.22
CA TYR A 150 -16.31 -3.55 -6.70
C TYR A 150 -17.28 -3.30 -5.54
N VAL A 151 -17.11 -4.03 -4.44
CA VAL A 151 -17.95 -3.80 -3.27
C VAL A 151 -17.70 -2.40 -2.71
N ASP A 152 -16.44 -1.96 -2.67
CA ASP A 152 -16.14 -0.64 -2.14
C ASP A 152 -16.69 0.46 -3.03
N GLU A 153 -16.61 0.27 -4.35
CA GLU A 153 -17.16 1.27 -5.27
C GLU A 153 -18.67 1.37 -5.15
N ALA A 154 -19.34 0.24 -4.90
CA ALA A 154 -20.79 0.27 -4.74
C ALA A 154 -21.19 1.09 -3.50
N GLU A 155 -20.39 1.02 -2.44
CA GLU A 155 -20.67 1.82 -1.25
C GLU A 155 -20.05 3.21 -1.35
N ARG A 173 -10.27 3.24 -6.74
CA ARG A 173 -10.32 3.00 -8.19
C ARG A 173 -9.13 2.17 -8.63
N ARG A 174 -8.07 2.22 -7.81
CA ARG A 174 -6.84 1.48 -8.10
C ARG A 174 -7.04 -0.03 -8.10
N HIS A 175 -8.19 -0.52 -7.66
CA HIS A 175 -8.46 -1.96 -7.66
C HIS A 175 -9.50 -2.37 -8.69
N THR A 176 -10.53 -1.56 -8.91
CA THR A 176 -11.54 -1.89 -9.91
C THR A 176 -11.01 -1.83 -11.34
N ILE A 177 -9.93 -1.07 -11.57
CA ILE A 177 -9.35 -0.99 -12.90
C ILE A 177 -8.80 -2.34 -13.33
N GLY A 178 -8.40 -3.18 -12.37
CA GLY A 178 -7.93 -4.51 -12.71
C GLY A 178 -6.64 -4.53 -13.50
N VAL A 179 -5.78 -3.53 -13.29
CA VAL A 179 -4.48 -3.55 -13.93
C VAL A 179 -3.64 -4.71 -13.42
N GLN A 180 -3.58 -4.90 -12.10
CA GLN A 180 -2.70 -5.93 -11.55
C GLN A 180 -3.01 -7.32 -12.06
N PRO A 181 -4.27 -7.78 -12.10
CA PRO A 181 -4.52 -9.09 -12.71
C PRO A 181 -4.18 -9.14 -14.18
N THR A 182 -4.30 -8.01 -14.89
CA THR A 182 -3.83 -7.94 -16.27
C THR A 182 -2.32 -8.15 -16.35
N VAL A 183 -1.58 -7.46 -15.47
CA VAL A 183 -0.14 -7.65 -15.40
C VAL A 183 0.20 -9.09 -15.03
N ASP A 184 -0.49 -9.64 -14.02
CA ASP A 184 -0.21 -11.02 -13.62
C ASP A 184 -0.33 -11.96 -14.80
N LEU A 185 -1.36 -11.75 -15.63
CA LEU A 185 -1.55 -12.66 -16.78
C LEU A 185 -0.38 -12.54 -17.76
N ALA A 186 0.19 -11.36 -17.93
CA ALA A 186 1.36 -11.24 -18.80
C ALA A 186 2.47 -12.19 -18.38
N GLU A 187 2.68 -12.35 -17.06
CA GLU A 187 3.66 -13.34 -16.59
C GLU A 187 3.27 -14.74 -17.02
N ARG A 188 2.00 -15.09 -16.79
CA ARG A 188 1.54 -16.44 -17.14
C ARG A 188 1.55 -16.65 -18.65
N ALA A 189 1.15 -15.62 -19.41
CA ALA A 189 1.17 -15.74 -20.86
C ALA A 189 2.60 -15.82 -21.40
N GLY A 190 3.56 -15.22 -20.70
CA GLY A 190 4.94 -15.35 -21.10
C GLY A 190 5.70 -16.47 -20.42
N ARG A 191 5.02 -17.24 -19.56
CA ARG A 191 5.60 -18.40 -18.87
C ARG A 191 6.87 -18.04 -18.12
N PHE A 192 6.84 -16.90 -17.43
CA PHE A 192 7.93 -16.47 -16.58
C PHE A 192 7.34 -15.87 -15.31
N GLU A 193 8.17 -15.72 -14.30
CA GLU A 193 7.77 -15.05 -13.06
C GLU A 193 8.88 -14.09 -12.66
N VAL A 194 8.54 -12.82 -12.49
CA VAL A 194 9.49 -11.89 -11.90
C VAL A 194 9.87 -12.39 -10.51
N PRO A 195 11.11 -12.26 -10.06
CA PRO A 195 11.47 -12.73 -8.71
C PRO A 195 10.56 -12.10 -7.67
N HIS A 196 9.97 -12.96 -6.83
CA HIS A 196 8.92 -12.52 -5.94
C HIS A 196 9.41 -11.43 -5.00
N ARG A 197 10.67 -11.51 -4.57
CA ARG A 197 11.20 -10.48 -3.67
C ARG A 197 11.42 -9.17 -4.40
N VAL A 198 11.56 -9.19 -5.72
CA VAL A 198 11.58 -7.91 -6.44
C VAL A 198 10.16 -7.43 -6.70
N PHE A 199 9.21 -8.33 -6.95
CA PHE A 199 7.82 -7.90 -7.05
C PHE A 199 7.43 -7.04 -5.85
N ASP A 200 7.83 -7.46 -4.65
CA ASP A 200 7.48 -6.75 -3.43
C ASP A 200 8.34 -5.52 -3.19
N SER A 201 9.39 -5.31 -3.98
CA SER A 201 10.30 -4.20 -3.72
C SER A 201 9.56 -2.87 -3.80
N ALA A 202 10.06 -1.91 -3.03
CA ALA A 202 9.51 -0.57 -3.08
C ALA A 202 9.57 0.01 -4.49
N VAL A 203 10.63 -0.31 -5.24
CA VAL A 203 10.80 0.23 -6.58
C VAL A 203 9.75 -0.34 -7.53
N MET A 204 9.63 -1.67 -7.59
CA MET A 204 8.64 -2.28 -8.45
C MET A 204 7.23 -1.89 -8.04
N SER A 205 6.99 -1.79 -6.72
CA SER A 205 5.68 -1.38 -6.25
C SER A 205 5.34 0.02 -6.74
N ALA A 206 6.33 0.90 -6.82
CA ALA A 206 6.09 2.25 -7.36
C ALA A 206 5.86 2.20 -8.86
N MET A 207 6.58 1.33 -9.58
CA MET A 207 6.35 1.19 -11.01
C MET A 207 4.93 0.68 -11.29
N LEU A 208 4.49 -0.34 -10.53
CA LEU A 208 3.16 -0.88 -10.74
C LEU A 208 2.10 0.15 -10.39
N GLN A 209 2.34 0.97 -9.36
CA GLN A 209 1.39 2.02 -9.02
C GLN A 209 1.25 3.02 -10.18
N ILE A 210 2.35 3.35 -10.84
CA ILE A 210 2.29 4.23 -12.00
C ILE A 210 1.45 3.61 -13.10
N ALA A 211 1.67 2.32 -13.37
CA ALA A 211 0.87 1.61 -14.36
C ALA A 211 -0.63 1.71 -14.04
N VAL A 212 -0.98 1.57 -12.76
CA VAL A 212 -2.38 1.64 -12.36
C VAL A 212 -2.91 3.06 -12.54
N ASP A 213 -2.19 4.06 -12.02
CA ASP A 213 -2.65 5.44 -12.15
C ASP A 213 -2.79 5.87 -13.59
N VAL A 214 -1.82 5.52 -14.44
CA VAL A 214 -1.88 5.91 -15.85
C VAL A 214 -3.07 5.27 -16.52
N ASN A 215 -3.30 3.97 -16.27
CA ASN A 215 -4.49 3.33 -16.82
C ASN A 215 -5.76 3.96 -16.28
N LEU A 216 -5.72 4.41 -15.03
CA LEU A 216 -6.90 5.03 -14.42
C LEU A 216 -7.21 6.36 -15.10
N LEU A 217 -6.17 7.17 -15.36
CA LEU A 217 -6.40 8.49 -15.95
C LEU A 217 -6.82 8.38 -17.41
N LEU A 218 -6.15 7.54 -18.19
CA LEU A 218 -6.52 7.37 -19.60
C LEU A 218 -7.95 6.87 -19.76
N ASN A 219 -8.43 6.05 -18.82
CA ASN A 219 -9.78 5.52 -18.95
C ASN A 219 -10.82 6.59 -18.62
N ASP A 220 -10.60 7.37 -17.55
CA ASP A 220 -11.54 8.42 -17.20
C ASP A 220 -11.57 9.52 -18.24
N ILE A 221 -10.43 9.82 -18.87
CA ILE A 221 -10.44 10.78 -19.96
C ILE A 221 -11.28 10.25 -21.12
N ALA A 222 -11.17 8.96 -21.41
CA ALA A 222 -11.98 8.35 -22.44
C ALA A 222 -13.43 8.22 -21.95
N HIS A 254 -4.34 18.99 -17.19
CA HIS A 254 -3.72 18.64 -15.91
C HIS A 254 -3.59 17.13 -15.74
N MET A 255 -4.63 16.40 -16.16
CA MET A 255 -4.54 14.94 -16.12
C MET A 255 -3.47 14.44 -17.09
N GLN A 256 -3.31 15.11 -18.22
CA GLN A 256 -2.24 14.75 -19.14
C GLN A 256 -0.88 15.05 -18.54
N ASN A 257 -0.76 16.14 -17.77
CA ASN A 257 0.49 16.41 -17.07
C ASN A 257 0.78 15.35 -16.02
N GLU A 258 -0.26 14.90 -15.31
CA GLU A 258 -0.06 13.83 -14.34
C GLU A 258 0.40 12.54 -15.02
N VAL A 259 -0.10 12.28 -16.23
CA VAL A 259 0.40 11.12 -16.98
C VAL A 259 1.85 11.32 -17.37
N ARG A 260 2.22 12.52 -17.83
CA ARG A 260 3.58 12.78 -18.27
C ARG A 260 4.55 12.72 -17.10
N ALA A 261 4.18 13.34 -15.97
CA ALA A 261 5.04 13.29 -14.79
C ALA A 261 5.25 11.85 -14.31
N ARG A 262 4.17 11.06 -14.28
CA ARG A 262 4.29 9.68 -13.82
C ARG A 262 5.15 8.85 -14.77
N LEU A 263 5.02 9.09 -16.08
CA LEU A 263 5.83 8.34 -17.04
C LEU A 263 7.29 8.73 -16.94
N GLU A 264 7.59 10.01 -16.71
CA GLU A 264 8.97 10.41 -16.48
C GLU A 264 9.51 9.78 -15.21
N GLN A 265 8.69 9.71 -14.16
CA GLN A 265 9.09 8.98 -12.97
C GLN A 265 9.23 7.49 -13.24
N TYR A 266 8.36 6.94 -14.09
CA TYR A 266 8.49 5.54 -14.45
C TYR A 266 9.88 5.23 -15.02
N LEU A 267 10.38 6.10 -15.90
CA LEU A 267 11.71 5.91 -16.48
C LEU A 267 12.79 6.01 -15.42
N LEU A 268 12.72 7.02 -14.55
CA LEU A 268 13.62 7.10 -13.41
C LEU A 268 13.64 5.79 -12.63
N LEU A 269 12.46 5.27 -12.27
CA LEU A 269 12.40 4.02 -11.54
C LEU A 269 12.98 2.86 -12.34
N GLU A 270 12.75 2.85 -13.65
CA GLU A 270 13.31 1.78 -14.48
C GLU A 270 14.84 1.77 -14.39
N SER A 271 15.45 2.94 -14.31
CA SER A 271 16.92 2.98 -14.29
C SER A 271 17.49 2.44 -12.98
N CYS A 272 16.68 2.38 -11.92
CA CYS A 272 17.17 1.82 -10.66
C CYS A 272 17.22 0.29 -10.69
N LEU A 273 16.56 -0.34 -11.66
CA LEU A 273 16.43 -1.79 -11.62
C LEU A 273 17.75 -2.54 -11.69
N PRO A 274 18.76 -2.11 -12.44
CA PRO A 274 20.07 -2.78 -12.29
C PRO A 274 20.53 -2.81 -10.84
N LYS A 275 20.41 -1.68 -10.11
CA LYS A 275 20.79 -1.68 -8.70
C LYS A 275 19.85 -2.57 -7.87
N VAL A 276 18.54 -2.51 -8.14
CA VAL A 276 17.61 -3.36 -7.42
C VAL A 276 17.99 -4.82 -7.57
N GLY A 277 18.41 -5.22 -8.78
CA GLY A 277 18.77 -6.62 -9.02
C GLY A 277 19.93 -7.09 -8.15
N GLU A 278 20.92 -6.21 -7.93
CA GLU A 278 22.05 -6.59 -7.11
C GLU A 278 21.68 -6.56 -5.62
N ILE A 279 20.87 -5.59 -5.20
CA ILE A 279 20.41 -5.51 -3.81
C ILE A 279 19.75 -6.82 -3.41
N TYR A 280 18.92 -7.40 -4.28
CA TYR A 280 18.26 -8.68 -4.02
C TYR A 280 19.05 -9.87 -4.57
N GLN A 281 20.27 -9.63 -5.06
CA GLN A 281 21.18 -10.72 -5.44
C GLN A 281 20.57 -11.65 -6.47
N LEU A 282 20.03 -11.06 -7.53
CA LEU A 282 19.45 -11.84 -8.61
C LEU A 282 20.54 -12.57 -9.39
N ASP A 283 20.32 -13.85 -9.64
CA ASP A 283 21.21 -14.58 -10.54
C ASP A 283 20.82 -14.25 -11.99
N THR A 284 21.34 -15.01 -12.95
CA THR A 284 21.16 -14.66 -14.35
C THR A 284 19.71 -14.87 -14.79
N ALA A 285 19.13 -16.03 -14.46
CA ALA A 285 17.74 -16.28 -14.84
C ALA A 285 16.79 -15.27 -14.21
N GLU A 286 17.01 -14.95 -12.94
CA GLU A 286 16.13 -14.00 -12.26
C GLU A 286 16.28 -12.61 -12.85
N ARG A 287 17.48 -12.23 -13.27
CA ARG A 287 17.67 -10.96 -13.94
C ARG A 287 16.90 -10.92 -15.26
N GLU A 288 16.94 -12.02 -16.02
CA GLU A 288 16.19 -12.07 -17.27
C GLU A 288 14.68 -12.06 -17.03
N ALA A 289 14.22 -12.75 -15.99
CA ALA A 289 12.79 -12.69 -15.66
C ALA A 289 12.37 -11.28 -15.31
N LEU A 290 13.17 -10.58 -14.51
CA LEU A 290 12.86 -9.21 -14.16
C LEU A 290 12.79 -8.33 -15.41
N GLU A 291 13.71 -8.55 -16.36
CA GLU A 291 13.69 -7.78 -17.59
C GLU A 291 12.43 -8.08 -18.40
N ARG A 292 12.05 -9.37 -18.50
CA ARG A 292 10.82 -9.73 -19.17
C ARG A 292 9.62 -9.07 -18.50
N TYR A 293 9.63 -9.00 -17.18
CA TYR A 293 8.54 -8.35 -16.46
C TYR A 293 8.47 -6.88 -16.80
N ARG A 294 9.61 -6.22 -16.87
CA ARG A 294 9.65 -4.80 -17.20
C ARG A 294 9.08 -4.54 -18.59
N THR A 295 9.46 -5.35 -19.58
CA THR A 295 9.13 -5.03 -20.97
C THR A 295 7.82 -5.67 -21.43
N ASP A 296 7.50 -6.88 -20.95
CA ASP A 296 6.35 -7.63 -21.44
C ASP A 296 5.13 -7.56 -20.51
N ALA A 297 5.28 -7.06 -19.28
CA ALA A 297 4.14 -6.96 -18.38
C ALA A 297 3.84 -5.54 -17.97
N VAL A 298 4.83 -4.82 -17.45
CA VAL A 298 4.58 -3.46 -16.96
C VAL A 298 4.48 -2.48 -18.11
N ARG A 299 5.50 -2.48 -18.98
CA ARG A 299 5.48 -1.56 -20.12
C ARG A 299 4.26 -1.80 -21.01
N THR A 300 3.94 -3.06 -21.26
CA THR A 300 2.81 -3.37 -22.13
C THR A 300 1.48 -2.94 -21.52
N VAL A 301 1.31 -3.05 -20.20
CA VAL A 301 0.05 -2.62 -19.62
C VAL A 301 -0.07 -1.11 -19.63
N ILE A 302 1.07 -0.40 -19.70
CA ILE A 302 1.02 1.06 -19.80
C ILE A 302 0.76 1.47 -21.23
N ARG A 303 1.56 0.96 -22.17
CA ARG A 303 1.45 1.36 -23.56
C ARG A 303 0.22 0.76 -24.23
N GLY A 304 -0.03 -0.54 -24.01
CA GLY A 304 -1.13 -1.20 -24.70
C GLY A 304 -2.47 -0.54 -24.47
N SER A 305 -2.68 -0.01 -23.27
CA SER A 305 -3.93 0.69 -22.98
C SER A 305 -4.06 1.97 -23.79
N TYR A 306 -2.95 2.68 -23.99
CA TYR A 306 -2.99 3.92 -24.76
C TYR A 306 -3.25 3.64 -26.24
N ASP A 307 -2.51 2.69 -26.82
CA ASP A 307 -2.69 2.37 -28.23
C ASP A 307 -4.07 1.81 -28.52
N TRP A 308 -4.70 1.18 -27.52
CA TRP A 308 -6.03 0.61 -27.71
C TRP A 308 -7.06 1.71 -27.95
N HIS A 309 -7.00 2.78 -27.17
CA HIS A 309 -7.91 3.92 -27.35
C HIS A 309 -7.56 4.69 -28.62
N PHE B 7 20.25 -4.16 12.64
CA PHE B 7 19.72 -3.74 11.35
C PHE B 7 20.66 -2.83 10.57
N HIS B 8 20.47 -2.82 9.24
CA HIS B 8 21.28 -2.05 8.31
C HIS B 8 20.55 -0.73 8.01
N ILE B 9 20.91 0.31 8.76
CA ILE B 9 20.29 1.62 8.61
C ILE B 9 21.36 2.68 8.32
N PRO B 10 21.81 2.82 7.07
CA PRO B 10 22.92 3.76 6.75
C PRO B 10 22.44 5.21 6.68
N LEU B 11 21.96 5.72 7.81
CA LEU B 11 21.51 7.09 7.97
C LEU B 11 22.09 7.68 9.24
N PRO B 12 22.36 8.99 9.26
CA PRO B 12 23.01 9.58 10.43
C PRO B 12 22.03 9.68 11.61
N GLY B 13 22.51 9.31 12.79
CA GLY B 13 21.71 9.44 14.00
C GLY B 13 21.72 10.87 14.49
N ARG B 14 20.55 11.43 14.74
CA ARG B 14 20.41 12.81 15.19
C ARG B 14 19.51 12.88 16.42
N GLN B 15 19.70 13.91 17.23
CA GLN B 15 18.86 14.15 18.39
C GLN B 15 18.71 15.65 18.59
N SER B 16 17.52 16.07 18.99
CA SER B 16 17.28 17.48 19.29
C SER B 16 18.16 17.92 20.46
N PRO B 17 18.78 19.10 20.37
CA PRO B 17 19.56 19.60 21.52
C PRO B 17 18.70 19.90 22.74
N ASP B 18 17.39 20.15 22.56
CA ASP B 18 16.48 20.40 23.67
C ASP B 18 15.89 19.10 24.22
N HIS B 19 16.60 17.98 24.08
CA HIS B 19 16.08 16.68 24.49
C HIS B 19 16.02 16.53 26.00
N ALA B 20 16.82 17.29 26.74
CA ALA B 20 16.82 17.14 28.19
C ALA B 20 15.63 17.83 28.84
N ARG B 21 15.25 19.02 28.37
CA ARG B 21 14.13 19.73 28.95
C ARG B 21 12.82 19.01 28.65
N ALA B 22 12.59 18.64 27.38
CA ALA B 22 11.32 18.03 27.00
C ALA B 22 11.09 16.70 27.70
N GLU B 23 12.17 15.95 27.95
CA GLU B 23 12.04 14.72 28.73
C GLU B 23 11.61 15.01 30.16
N ALA B 24 12.11 16.10 30.76
CA ALA B 24 11.77 16.40 32.15
C ALA B 24 10.35 16.92 32.30
N GLU B 25 9.80 17.57 31.27
CA GLU B 25 8.47 18.16 31.34
C GLU B 25 7.42 17.34 30.60
N GLN B 26 7.74 16.09 30.23
CA GLN B 26 6.83 15.31 29.39
C GLN B 26 5.55 14.94 30.12
N LEU B 27 5.61 14.69 31.43
CA LEU B 27 4.45 14.22 32.16
C LEU B 27 3.39 15.29 32.36
N ALA B 28 3.75 16.57 32.27
CA ALA B 28 2.80 17.64 32.57
C ALA B 28 1.58 17.58 31.64
N TRP B 29 1.81 17.34 30.35
CA TRP B 29 0.67 17.34 29.42
C TRP B 29 -0.32 16.20 29.69
N PRO B 30 0.09 14.93 29.80
CA PRO B 30 -0.91 13.89 30.05
C PRO B 30 -1.53 13.95 31.43
N ARG B 31 -0.77 14.39 32.45
CA ARG B 31 -1.35 14.57 33.77
C ARG B 31 -2.48 15.60 33.75
N SER B 32 -2.26 16.72 33.07
CA SER B 32 -3.31 17.74 32.98
C SER B 32 -4.55 17.22 32.26
N LEU B 33 -4.39 16.23 31.37
CA LEU B 33 -5.52 15.64 30.67
C LEU B 33 -6.20 14.55 31.47
N GLY B 34 -5.62 14.12 32.59
CA GLY B 34 -6.14 13.00 33.34
C GLY B 34 -5.72 11.64 32.82
N LEU B 35 -4.84 11.59 31.83
CA LEU B 35 -4.39 10.30 31.29
C LEU B 35 -3.39 9.63 32.23
N ILE B 36 -2.72 10.39 33.07
CA ILE B 36 -1.78 9.86 34.06
C ILE B 36 -2.15 10.48 35.39
N ARG B 37 -2.59 9.66 36.34
CA ARG B 37 -2.92 10.12 37.69
C ARG B 37 -1.99 9.55 38.75
N SER B 38 -1.84 8.23 38.81
CA SER B 38 -0.97 7.66 39.83
C SER B 38 0.49 7.83 39.44
N ASP B 39 1.36 7.77 40.45
CA ASP B 39 2.79 7.85 40.18
C ASP B 39 3.29 6.59 39.47
N ALA B 40 2.66 5.45 39.74
CA ALA B 40 3.00 4.21 39.03
C ALA B 40 2.73 4.34 37.53
N ALA B 41 1.61 4.99 37.16
CA ALA B 41 1.35 5.23 35.74
C ALA B 41 2.35 6.22 35.16
N ALA B 42 2.79 7.18 35.97
CA ALA B 42 3.83 8.10 35.52
C ALA B 42 5.13 7.36 35.24
N GLU B 43 5.56 6.53 36.20
CA GLU B 43 6.80 5.77 36.01
C GLU B 43 6.67 4.80 34.84
N ARG B 44 5.50 4.18 34.69
CA ARG B 44 5.27 3.35 33.51
C ARG B 44 5.46 4.16 32.23
N HIS B 45 4.94 5.39 32.20
CA HIS B 45 5.11 6.23 31.03
C HIS B 45 6.58 6.55 30.79
N LEU B 46 7.34 6.86 31.85
CA LEU B 46 8.73 7.28 31.68
C LEU B 46 9.60 6.15 31.17
N ARG B 47 9.32 4.90 31.59
CA ARG B 47 10.08 3.78 31.06
C ARG B 47 9.92 3.63 29.54
N GLY B 48 8.90 4.23 28.95
CA GLY B 48 8.74 4.16 27.51
C GLY B 48 9.74 4.97 26.72
N GLY B 49 10.31 6.01 27.33
CA GLY B 49 11.25 6.87 26.63
C GLY B 49 10.64 7.61 25.46
N TYR B 50 9.42 8.10 25.62
CA TYR B 50 8.72 8.69 24.47
C TYR B 50 9.26 10.05 24.11
N ALA B 51 9.88 10.75 25.07
CA ALA B 51 10.54 12.02 24.74
C ALA B 51 11.84 11.76 24.00
N ASP B 52 12.59 10.73 24.42
CA ASP B 52 13.76 10.33 23.66
C ASP B 52 13.38 9.93 22.23
N LEU B 53 12.25 9.24 22.06
CA LEU B 53 11.81 8.90 20.72
C LEU B 53 11.50 10.15 19.90
N ALA B 54 10.71 11.06 20.48
CA ALA B 54 10.34 12.29 19.78
C ALA B 54 11.57 13.14 19.46
N SER B 55 12.56 13.17 20.36
CA SER B 55 13.75 13.97 20.11
C SER B 55 14.56 13.42 18.94
N ARG B 56 14.51 12.11 18.70
CA ARG B 56 15.19 11.54 17.55
C ARG B 56 14.33 11.58 16.30
N PHE B 57 13.00 11.51 16.43
CA PHE B 57 12.13 11.73 15.28
C PHE B 57 12.25 13.17 14.79
N TYR B 58 12.46 14.12 15.69
CA TYR B 58 12.42 15.54 15.36
C TYR B 58 13.64 16.24 15.96
N PRO B 59 14.84 15.93 15.45
CA PRO B 59 16.04 16.59 15.99
C PRO B 59 16.09 18.08 15.66
N HIS B 60 15.30 18.53 14.71
CA HIS B 60 15.29 19.93 14.28
C HIS B 60 14.33 20.80 15.06
N ALA B 61 13.65 20.24 16.07
CA ALA B 61 12.63 20.97 16.81
C ALA B 61 13.08 21.18 18.25
N THR B 62 12.71 22.35 18.80
CA THR B 62 13.01 22.69 20.18
C THR B 62 11.80 23.38 20.80
N GLY B 63 11.83 23.49 22.12
CA GLY B 63 10.80 24.24 22.81
C GLY B 63 9.44 23.63 22.61
N ALA B 64 8.45 24.49 22.29
CA ALA B 64 7.08 24.02 22.16
C ALA B 64 6.90 23.11 20.96
N ASP B 65 7.74 23.26 19.93
CA ASP B 65 7.66 22.37 18.77
C ASP B 65 8.04 20.94 19.16
N LEU B 66 9.16 20.79 19.86
CA LEU B 66 9.54 19.48 20.37
C LEU B 66 8.51 18.95 21.37
N ASP B 67 7.90 19.82 22.15
CA ASP B 67 6.89 19.38 23.11
C ASP B 67 5.71 18.76 22.40
N LEU B 68 5.33 19.33 21.24
CA LEU B 68 4.26 18.74 20.45
C LEU B 68 4.63 17.34 19.95
N GLY B 69 5.92 17.13 19.64
CA GLY B 69 6.36 15.80 19.26
C GLY B 69 6.29 14.82 20.41
N VAL B 70 6.69 15.26 21.61
CA VAL B 70 6.60 14.42 22.79
C VAL B 70 5.15 14.09 23.11
N ASP B 71 4.26 15.05 22.90
CA ASP B 71 2.84 14.83 23.18
C ASP B 71 2.25 13.79 22.24
N LEU B 72 2.63 13.85 20.95
CA LEU B 72 2.13 12.86 20.00
C LEU B 72 2.62 11.47 20.35
N MET B 73 3.93 11.32 20.61
CA MET B 73 4.45 10.02 21.04
C MET B 73 3.76 9.54 22.31
N SER B 74 3.57 10.44 23.27
CA SER B 74 2.88 10.07 24.50
C SER B 74 1.45 9.62 24.21
N TRP B 75 0.74 10.39 23.39
CA TRP B 75 -0.66 10.09 23.14
C TRP B 75 -0.82 8.78 22.38
N HIS B 76 0.08 8.49 21.44
CA HIS B 76 -0.06 7.27 20.65
C HIS B 76 0.01 6.02 21.54
N PHE B 77 0.97 5.98 22.47
CA PHE B 77 1.07 4.81 23.33
C PHE B 77 -0.03 4.79 24.39
N LEU B 78 -0.47 5.96 24.86
CA LEU B 78 -1.63 5.98 25.75
C LEU B 78 -2.89 5.57 25.01
N PHE B 79 -3.04 6.00 23.76
CA PHE B 79 -4.15 5.54 22.93
C PHE B 79 -4.04 4.06 22.64
N ASP B 80 -2.82 3.57 22.37
CA ASP B 80 -2.66 2.17 22.04
C ASP B 80 -3.01 1.27 23.22
N ASP B 81 -2.78 1.73 24.45
CA ASP B 81 -3.07 0.91 25.62
C ASP B 81 -4.55 0.53 25.67
N LEU B 82 -5.42 1.37 25.13
CA LEU B 82 -6.87 1.18 25.23
C LEU B 82 -7.36 0.04 24.34
N PHE B 83 -6.48 -0.63 23.59
CA PHE B 83 -6.91 -1.70 22.70
C PHE B 83 -6.21 -3.02 22.99
N ASP B 84 -5.51 -3.13 24.11
CA ASP B 84 -4.89 -4.40 24.49
C ASP B 84 -5.85 -5.37 25.13
N GLY B 85 -7.04 -4.92 25.50
CA GLY B 85 -8.03 -5.78 26.09
C GLY B 85 -9.13 -6.15 25.12
N PRO B 86 -10.34 -6.37 25.64
CA PRO B 86 -11.44 -6.80 24.76
C PRO B 86 -11.89 -5.75 23.75
N ARG B 87 -11.61 -4.46 23.98
CA ARG B 87 -11.99 -3.45 22.99
C ARG B 87 -11.33 -3.71 21.64
N GLY B 88 -10.05 -4.07 21.64
CA GLY B 88 -9.36 -4.33 20.40
C GLY B 88 -9.79 -5.58 19.68
N GLU B 89 -10.58 -6.43 20.32
CA GLU B 89 -11.09 -7.65 19.72
C GLU B 89 -12.54 -7.51 19.26
N ASN B 90 -13.06 -6.28 19.22
CA ASN B 90 -14.45 -6.03 18.86
C ASN B 90 -14.48 -4.81 17.93
N PRO B 91 -14.89 -4.99 16.67
CA PRO B 91 -14.93 -3.83 15.76
C PRO B 91 -15.88 -2.74 16.21
N GLU B 92 -17.02 -3.11 16.78
CA GLU B 92 -17.98 -2.10 17.22
C GLU B 92 -17.44 -1.30 18.40
N ASP B 93 -16.88 -1.99 19.40
CA ASP B 93 -16.31 -1.31 20.56
C ASP B 93 -15.09 -0.48 20.18
N THR B 94 -14.29 -0.95 19.22
CA THR B 94 -13.15 -0.17 18.75
C THR B 94 -13.61 1.08 18.01
N LYS B 95 -14.54 0.92 17.06
CA LYS B 95 -15.03 2.08 16.32
C LYS B 95 -15.78 3.05 17.24
N GLN B 96 -16.36 2.54 18.32
CA GLN B 96 -17.04 3.42 19.28
C GLN B 96 -16.07 4.41 19.89
N LEU B 97 -14.83 4.00 20.13
CA LEU B 97 -13.84 4.91 20.69
C LEU B 97 -13.12 5.70 19.62
N THR B 98 -12.83 5.10 18.46
CA THR B 98 -12.10 5.82 17.42
C THR B 98 -12.95 6.92 16.80
N ASP B 99 -14.26 6.72 16.71
CA ASP B 99 -15.12 7.77 16.18
C ASP B 99 -15.12 8.99 17.08
N GLN B 100 -15.07 8.78 18.41
CA GLN B 100 -15.02 9.92 19.32
C GLN B 100 -13.70 10.67 19.22
N VAL B 101 -12.61 9.97 18.94
CA VAL B 101 -11.33 10.65 18.78
C VAL B 101 -11.26 11.34 17.43
N ALA B 102 -11.62 10.64 16.36
CA ALA B 102 -11.58 11.22 15.02
C ALA B 102 -12.54 12.39 14.86
N ALA B 103 -13.54 12.51 15.74
CA ALA B 103 -14.47 13.63 15.69
C ALA B 103 -13.78 14.98 15.86
N ALA B 104 -12.63 15.01 16.54
CA ALA B 104 -11.86 16.25 16.68
C ALA B 104 -11.35 16.76 15.34
N LEU B 105 -11.14 15.88 14.37
CA LEU B 105 -10.71 16.33 13.05
C LEU B 105 -11.78 17.17 12.36
N ASP B 106 -13.05 16.92 12.68
CA ASP B 106 -14.17 17.61 12.04
C ASP B 106 -14.54 18.90 12.76
N GLY B 107 -14.48 18.90 14.09
CA GLY B 107 -14.82 20.08 14.86
C GLY B 107 -14.48 19.91 16.33
N PRO B 108 -15.00 20.80 17.16
CA PRO B 108 -14.74 20.72 18.60
C PRO B 108 -15.39 19.48 19.21
N LEU B 109 -14.88 19.11 20.39
CA LEU B 109 -15.38 17.94 21.09
C LEU B 109 -16.21 18.33 22.31
N PRO B 110 -17.28 17.60 22.60
CA PRO B 110 -18.05 17.87 23.81
C PRO B 110 -17.25 17.51 25.06
N ASP B 111 -17.68 18.08 26.19
CA ASP B 111 -17.01 17.80 27.45
C ASP B 111 -17.16 16.34 27.88
N THR B 112 -18.14 15.63 27.32
CA THR B 112 -18.31 14.21 27.62
C THR B 112 -17.25 13.33 26.96
N ALA B 113 -16.46 13.87 26.04
CA ALA B 113 -15.46 13.08 25.36
C ALA B 113 -14.40 12.59 26.34
N PRO B 114 -13.92 11.36 26.19
CA PRO B 114 -12.91 10.83 27.12
C PRO B 114 -11.60 11.60 26.99
N PRO B 115 -10.75 11.54 28.02
CA PRO B 115 -9.49 12.31 27.96
C PRO B 115 -8.61 11.95 26.78
N ILE B 116 -8.66 10.70 26.30
CA ILE B 116 -7.84 10.33 25.16
C ILE B 116 -8.26 11.11 23.92
N ALA B 117 -9.53 11.51 23.84
CA ALA B 117 -10.00 12.31 22.71
C ALA B 117 -9.60 13.78 22.86
N HIS B 118 -9.73 14.34 24.08
CA HIS B 118 -9.34 15.73 24.29
C HIS B 118 -7.83 15.91 24.10
N GLY B 119 -7.04 14.94 24.53
CA GLY B 119 -5.61 15.01 24.30
C GLY B 119 -5.28 15.01 22.81
N PHE B 120 -5.99 14.19 22.03
CA PHE B 120 -5.78 14.19 20.59
C PHE B 120 -6.21 15.51 19.96
N ALA B 121 -7.31 16.09 20.45
CA ALA B 121 -7.75 17.38 19.93
C ALA B 121 -6.74 18.47 20.24
N ASP B 122 -6.12 18.41 21.42
CA ASP B 122 -5.10 19.40 21.76
C ASP B 122 -3.88 19.25 20.87
N ILE B 123 -3.51 18.01 20.53
CA ILE B 123 -2.42 17.78 19.60
C ILE B 123 -2.81 18.26 18.20
N TRP B 124 -4.02 17.93 17.76
CA TRP B 124 -4.43 18.31 16.41
C TRP B 124 -4.54 19.81 16.25
N ARG B 125 -5.01 20.51 17.29
CA ARG B 125 -5.07 21.97 17.25
C ARG B 125 -3.69 22.56 17.02
N ARG B 126 -2.69 22.10 17.77
CA ARG B 126 -1.34 22.62 17.62
C ARG B 126 -0.70 22.19 16.31
N THR B 127 -1.11 21.03 15.77
CA THR B 127 -0.51 20.54 14.54
C THR B 127 -0.85 21.43 13.35
N CYS B 128 -2.03 22.04 13.35
CA CYS B 128 -2.52 22.83 12.22
C CYS B 128 -2.20 24.32 12.35
N GLU B 129 -1.40 24.71 13.34
CA GLU B 129 -1.01 26.11 13.47
C GLU B 129 0.08 26.45 12.44
N GLY B 130 -0.16 27.51 11.67
CA GLY B 130 0.83 27.93 10.69
C GLY B 130 1.01 26.98 9.54
N MET B 131 0.01 26.15 9.26
CA MET B 131 0.05 25.22 8.13
C MET B 131 -1.09 25.56 7.18
N THR B 132 -0.87 25.24 5.91
CA THR B 132 -1.87 25.53 4.88
C THR B 132 -3.12 24.67 5.10
N PRO B 133 -4.28 25.14 4.65
CA PRO B 133 -5.50 24.31 4.80
C PRO B 133 -5.44 23.02 4.00
N ALA B 134 -4.74 23.00 2.87
CA ALA B 134 -4.57 21.76 2.12
C ALA B 134 -3.67 20.78 2.87
N TRP B 135 -2.71 21.29 3.64
CA TRP B 135 -1.89 20.40 4.46
C TRP B 135 -2.68 19.80 5.60
N CYS B 136 -3.64 20.53 6.15
CA CYS B 136 -4.41 20.01 7.28
C CYS B 136 -5.44 19.00 6.83
N ALA B 137 -6.07 19.21 5.67
CA ALA B 137 -6.99 18.21 5.15
C ALA B 137 -6.26 16.93 4.77
N ARG B 138 -4.98 17.03 4.41
CA ARG B 138 -4.19 15.85 4.07
C ARG B 138 -3.74 15.10 5.32
N SER B 139 -3.23 15.83 6.31
CA SER B 139 -2.88 15.19 7.57
C SER B 139 -4.11 14.63 8.28
N ALA B 140 -5.25 15.31 8.19
CA ALA B 140 -6.47 14.77 8.78
C ALA B 140 -6.87 13.47 8.12
N ARG B 141 -6.67 13.38 6.80
CA ARG B 141 -6.95 12.15 6.07
C ARG B 141 -6.02 11.03 6.55
N HIS B 142 -4.77 11.36 6.82
CA HIS B 142 -3.83 10.37 7.34
C HIS B 142 -4.29 9.82 8.68
N TRP B 143 -4.83 10.70 9.54
CA TRP B 143 -5.34 10.25 10.83
C TRP B 143 -6.55 9.33 10.66
N ARG B 144 -7.43 9.63 9.70
CA ARG B 144 -8.58 8.76 9.49
C ARG B 144 -8.15 7.37 9.06
N ASN B 145 -7.17 7.27 8.15
CA ASN B 145 -6.61 5.98 7.79
C ASN B 145 -6.06 5.27 9.02
N TYR B 146 -5.43 6.02 9.91
CA TYR B 146 -4.90 5.45 11.15
C TYR B 146 -6.04 4.90 12.02
N PHE B 147 -7.09 5.70 12.23
CA PHE B 147 -8.20 5.24 13.05
C PHE B 147 -8.98 4.13 12.35
N ASP B 148 -9.17 4.24 11.03
CA ASP B 148 -9.82 3.15 10.31
C ASP B 148 -9.04 1.85 10.44
N GLY B 149 -7.71 1.94 10.51
CA GLY B 149 -6.91 0.74 10.63
C GLY B 149 -7.16 -0.01 11.92
N TYR B 150 -7.34 0.72 13.03
CA TYR B 150 -7.64 0.07 14.30
C TYR B 150 -8.95 -0.72 14.22
N VAL B 151 -9.93 -0.20 13.48
CA VAL B 151 -11.18 -0.94 13.30
C VAL B 151 -10.95 -2.20 12.48
N ASP B 152 -10.15 -2.10 11.42
CA ASP B 152 -9.86 -3.28 10.61
C ASP B 152 -9.09 -4.34 11.40
N GLU B 153 -8.15 -3.92 12.26
CA GLU B 153 -7.46 -4.90 13.11
C GLU B 153 -8.42 -5.55 14.09
N ALA B 154 -9.41 -4.80 14.59
CA ALA B 154 -10.42 -5.40 15.43
C ALA B 154 -11.25 -6.40 14.65
N GLU B 155 -11.57 -6.09 13.39
CA GLU B 155 -12.33 -7.02 12.56
C GLU B 155 -11.55 -8.31 12.35
N SER B 156 -10.23 -8.23 12.19
CA SER B 156 -9.42 -9.43 12.03
C SER B 156 -9.42 -10.28 13.29
N ARG B 157 -9.23 -9.65 14.46
CA ARG B 157 -9.20 -10.42 15.70
C ARG B 157 -10.57 -11.03 16.01
N PHE B 158 -11.65 -10.28 15.77
CA PHE B 158 -12.98 -10.78 16.09
C PHE B 158 -13.32 -12.02 15.26
N TRP B 159 -13.12 -11.95 13.94
CA TRP B 159 -13.45 -13.06 13.07
C TRP B 159 -12.41 -14.18 13.11
N ASN B 160 -11.42 -14.09 14.01
CA ASN B 160 -10.37 -15.09 14.16
C ASN B 160 -9.69 -15.41 12.82
N ALA B 161 -9.58 -14.40 11.95
CA ALA B 161 -8.97 -14.55 10.64
C ALA B 161 -7.62 -13.85 10.60
N PRO B 162 -6.52 -14.54 10.87
CA PRO B 162 -5.20 -13.89 10.81
C PRO B 162 -4.73 -13.73 9.38
N CYS B 163 -3.84 -12.75 9.20
CA CYS B 163 -3.23 -12.55 7.89
C CYS B 163 -2.42 -13.78 7.51
N ASP B 164 -2.51 -14.16 6.24
CA ASP B 164 -1.82 -15.35 5.77
C ASP B 164 -0.65 -15.01 4.85
N SER B 165 -0.33 -13.72 4.69
CA SER B 165 0.80 -13.30 3.87
C SER B 165 1.30 -11.96 4.36
N ALA B 166 2.59 -11.72 4.12
CA ALA B 166 3.18 -10.43 4.46
C ALA B 166 2.48 -9.28 3.75
N ALA B 167 2.26 -9.42 2.44
CA ALA B 167 1.65 -8.36 1.64
C ALA B 167 0.27 -7.97 2.19
N GLN B 168 -0.55 -8.97 2.53
CA GLN B 168 -1.85 -8.67 3.11
C GLN B 168 -1.72 -7.95 4.45
N TYR B 169 -0.75 -8.35 5.27
CA TYR B 169 -0.54 -7.70 6.55
C TYR B 169 -0.09 -6.27 6.38
N LEU B 170 0.85 -6.03 5.47
CA LEU B 170 1.35 -4.68 5.21
C LEU B 170 0.21 -3.74 4.85
N ALA B 171 -0.71 -4.19 4.00
CA ALA B 171 -1.82 -3.34 3.56
C ALA B 171 -2.67 -2.85 4.72
N MET B 172 -2.62 -3.54 5.86
CA MET B 172 -3.32 -3.09 7.07
C MET B 172 -2.39 -2.38 8.06
N ARG B 173 -1.24 -3.00 8.38
CA ARG B 173 -0.37 -2.44 9.40
C ARG B 173 0.26 -1.12 8.97
N ARG B 174 0.34 -0.85 7.66
CA ARG B 174 0.90 0.40 7.19
C ARG B 174 0.13 1.60 7.69
N HIS B 175 -1.18 1.45 7.95
CA HIS B 175 -1.96 2.55 8.49
C HIS B 175 -1.94 2.61 10.00
N THR B 176 -1.99 1.46 10.68
CA THR B 176 -2.11 1.44 12.13
C THR B 176 -0.80 1.74 12.83
N ILE B 177 0.34 1.58 12.13
CA ILE B 177 1.62 1.85 12.75
C ILE B 177 1.78 3.34 13.08
N GLY B 178 1.03 4.20 12.40
CA GLY B 178 1.07 5.63 12.69
C GLY B 178 2.33 6.34 12.23
N VAL B 179 3.00 5.83 11.19
CA VAL B 179 4.22 6.48 10.74
C VAL B 179 3.91 7.77 10.00
N GLN B 180 2.90 7.76 9.13
CA GLN B 180 2.60 8.95 8.34
C GLN B 180 2.20 10.15 9.20
N PRO B 181 1.38 10.03 10.24
CA PRO B 181 1.17 11.18 11.12
C PRO B 181 2.42 11.61 11.85
N THR B 182 3.32 10.66 12.17
CA THR B 182 4.60 11.03 12.75
C THR B 182 5.44 11.84 11.77
N VAL B 183 5.44 11.46 10.49
CA VAL B 183 6.16 12.23 9.49
C VAL B 183 5.48 13.59 9.30
N ASP B 184 4.14 13.59 9.26
CA ASP B 184 3.41 14.85 9.14
C ASP B 184 3.85 15.85 10.21
N LEU B 185 4.00 15.39 11.45
CA LEU B 185 4.36 16.30 12.53
C LEU B 185 5.76 16.88 12.33
N ALA B 186 6.64 16.17 11.63
CA ALA B 186 7.98 16.70 11.40
C ALA B 186 7.93 17.96 10.54
N GLU B 187 6.99 18.03 9.59
CA GLU B 187 6.78 19.26 8.84
C GLU B 187 6.33 20.38 9.76
N ARG B 188 5.35 20.10 10.62
CA ARG B 188 4.86 21.10 11.56
C ARG B 188 5.95 21.51 12.56
N ALA B 189 6.73 20.55 13.06
CA ALA B 189 7.76 20.88 14.03
C ALA B 189 8.90 21.68 13.43
N GLY B 190 9.01 21.72 12.10
CA GLY B 190 10.08 22.42 11.43
C GLY B 190 9.61 23.65 10.67
N ARG B 191 8.30 23.90 10.70
CA ARG B 191 7.72 25.09 10.05
C ARG B 191 7.97 25.10 8.55
N PHE B 192 7.87 23.93 7.92
CA PHE B 192 8.07 23.81 6.48
C PHE B 192 7.09 22.79 5.94
N GLU B 193 6.86 22.85 4.62
CA GLU B 193 5.97 21.91 3.96
C GLU B 193 6.60 21.47 2.65
N VAL B 194 6.70 20.15 2.48
CA VAL B 194 7.17 19.63 1.19
C VAL B 194 6.16 20.00 0.12
N PRO B 195 6.57 20.33 -1.10
CA PRO B 195 5.60 20.63 -2.16
C PRO B 195 4.59 19.51 -2.32
N HIS B 196 3.31 19.88 -2.25
CA HIS B 196 2.22 18.91 -2.26
C HIS B 196 2.25 18.04 -3.50
N ARG B 197 2.68 18.57 -4.64
CA ARG B 197 2.74 17.75 -5.84
C ARG B 197 3.89 16.75 -5.78
N VAL B 198 4.93 17.05 -5.02
CA VAL B 198 5.99 16.07 -4.80
C VAL B 198 5.56 15.02 -3.77
N PHE B 199 4.80 15.45 -2.75
CA PHE B 199 4.31 14.49 -1.75
C PHE B 199 3.52 13.36 -2.39
N ASP B 200 2.70 13.69 -3.40
CA ASP B 200 1.89 12.69 -4.09
C ASP B 200 2.63 12.01 -5.22
N SER B 201 3.90 12.34 -5.44
CA SER B 201 4.62 11.71 -6.53
C SER B 201 4.89 10.25 -6.24
N ALA B 202 5.10 9.48 -7.31
CA ALA B 202 5.43 8.07 -7.16
C ALA B 202 6.71 7.87 -6.36
N VAL B 203 7.72 8.71 -6.59
CA VAL B 203 9.01 8.51 -5.93
C VAL B 203 8.88 8.75 -4.44
N MET B 204 8.26 9.88 -4.05
CA MET B 204 8.12 10.17 -2.63
C MET B 204 7.22 9.14 -1.94
N SER B 205 6.17 8.67 -2.63
CA SER B 205 5.33 7.63 -2.09
C SER B 205 6.14 6.36 -1.80
N ALA B 206 6.98 5.96 -2.76
CA ALA B 206 7.88 4.83 -2.51
C ALA B 206 8.80 5.11 -1.34
N MET B 207 9.24 6.35 -1.17
CA MET B 207 10.11 6.67 -0.05
C MET B 207 9.36 6.62 1.27
N LEU B 208 8.13 7.15 1.28
CA LEU B 208 7.31 7.09 2.48
C LEU B 208 6.92 5.64 2.82
N GLN B 209 6.61 4.84 1.80
CA GLN B 209 6.29 3.44 2.05
C GLN B 209 7.45 2.72 2.71
N ILE B 210 8.69 3.04 2.30
CA ILE B 210 9.86 2.46 2.95
C ILE B 210 9.93 2.87 4.40
N ALA B 211 9.68 4.16 4.68
CA ALA B 211 9.71 4.64 6.07
C ALA B 211 8.65 3.94 6.90
N VAL B 212 7.45 3.75 6.35
CA VAL B 212 6.42 3.01 7.05
C VAL B 212 6.85 1.56 7.28
N ASP B 213 7.23 0.86 6.20
CA ASP B 213 7.59 -0.55 6.32
C ASP B 213 8.74 -0.75 7.31
N VAL B 214 9.77 0.08 7.23
CA VAL B 214 10.91 -0.11 8.12
C VAL B 214 10.49 0.02 9.57
N ASN B 215 9.66 1.01 9.89
CA ASN B 215 9.19 1.18 11.25
C ASN B 215 8.36 -0.02 11.71
N LEU B 216 7.48 -0.54 10.86
CA LEU B 216 6.64 -1.64 11.35
C LEU B 216 7.43 -2.94 11.46
N LEU B 217 8.45 -3.13 10.62
CA LEU B 217 9.29 -4.31 10.75
C LEU B 217 10.10 -4.25 12.05
N LEU B 218 10.71 -3.09 12.34
CA LEU B 218 11.42 -2.93 13.61
C LEU B 218 10.48 -3.10 14.80
N ASN B 219 9.26 -2.56 14.70
CA ASN B 219 8.33 -2.65 15.82
C ASN B 219 7.88 -4.08 16.06
N ASP B 220 7.71 -4.87 15.00
CA ASP B 220 7.27 -6.25 15.20
C ASP B 220 8.36 -7.11 15.82
N ILE B 221 9.63 -6.79 15.54
CA ILE B 221 10.70 -7.51 16.20
C ILE B 221 10.85 -7.07 17.66
N ALA B 222 10.70 -5.76 17.92
CA ALA B 222 10.80 -5.27 19.29
C ALA B 222 9.68 -5.81 20.18
N SER B 223 8.47 -5.93 19.63
CA SER B 223 7.34 -6.40 20.43
C SER B 223 7.11 -7.90 20.27
N LEU B 224 8.11 -8.63 19.81
CA LEU B 224 7.93 -10.04 19.51
C LEU B 224 7.65 -10.86 20.77
N GLU B 225 8.42 -10.62 21.84
CA GLU B 225 8.26 -11.40 23.06
CA GLU B 225 8.24 -11.42 23.04
C GLU B 225 6.85 -11.23 23.63
N LYS B 226 6.39 -9.98 23.74
CA LYS B 226 5.05 -9.76 24.27
C LYS B 226 3.98 -10.40 23.39
N GLU B 227 4.11 -10.27 22.06
CA GLU B 227 3.06 -10.75 21.18
C GLU B 227 3.12 -12.27 20.98
N GLU B 228 4.31 -12.87 21.06
CA GLU B 228 4.38 -14.31 21.05
C GLU B 228 3.75 -14.90 22.31
N ALA B 229 4.02 -14.29 23.46
CA ALA B 229 3.47 -14.78 24.72
C ALA B 229 1.96 -14.77 24.72
N ARG B 230 1.36 -13.77 24.08
CA ARG B 230 -0.09 -13.63 24.09
C ARG B 230 -0.76 -14.29 22.89
N GLY B 231 -0.01 -15.07 22.12
CA GLY B 231 -0.58 -15.73 20.95
C GLY B 231 -1.02 -14.80 19.85
N GLU B 232 -0.43 -13.61 19.76
CA GLU B 232 -0.74 -12.70 18.67
C GLU B 232 -0.24 -13.31 17.36
N GLN B 233 -1.14 -13.43 16.38
CA GLN B 233 -0.79 -14.02 15.10
C GLN B 233 -0.44 -12.99 14.05
N ASN B 234 -0.92 -11.75 14.20
CA ASN B 234 -0.64 -10.68 13.24
C ASN B 234 0.60 -9.89 13.67
N ASN B 235 1.72 -10.60 13.63
CA ASN B 235 3.05 -10.03 13.76
C ASN B 235 3.85 -10.55 12.58
N MET B 236 4.63 -9.68 11.94
CA MET B 236 5.29 -10.06 10.70
C MET B 236 6.15 -11.31 10.88
N VAL B 237 6.77 -11.49 12.05
CA VAL B 237 7.55 -12.70 12.29
C VAL B 237 6.67 -13.93 12.15
N MET B 238 5.54 -13.95 12.87
CA MET B 238 4.63 -15.09 12.83
C MET B 238 4.00 -15.25 11.46
N ILE B 239 3.73 -14.13 10.78
CA ILE B 239 3.10 -14.23 9.46
C ILE B 239 4.05 -14.86 8.46
N LEU B 240 5.33 -14.48 8.49
CA LEU B 240 6.29 -15.09 7.59
C LEU B 240 6.42 -16.59 7.85
N ARG B 241 6.38 -16.99 9.12
CA ARG B 241 6.43 -18.41 9.45
C ARG B 241 5.32 -19.18 8.76
N ARG B 242 4.08 -18.67 8.85
CA ARG B 242 2.95 -19.38 8.27
C ARG B 242 2.99 -19.31 6.74
N GLU B 243 3.36 -18.16 6.19
CA GLU B 243 3.35 -18.00 4.74
C GLU B 243 4.34 -18.92 4.07
N HIS B 244 5.59 -18.95 4.56
CA HIS B 244 6.65 -19.70 3.91
C HIS B 244 7.02 -21.01 4.61
N GLY B 245 6.39 -21.34 5.74
CA GLY B 245 6.80 -22.49 6.50
C GLY B 245 8.20 -22.34 7.07
N TRP B 246 8.46 -21.21 7.74
CA TRP B 246 9.80 -20.84 8.18
C TRP B 246 9.94 -20.96 9.68
N SER B 247 11.16 -21.20 10.14
CA SER B 247 11.42 -21.09 11.57
C SER B 247 11.36 -19.62 12.01
N LYS B 248 11.24 -19.43 13.32
CA LYS B 248 11.30 -18.08 13.88
C LYS B 248 12.60 -17.38 13.51
N SER B 249 13.73 -18.09 13.63
CA SER B 249 15.02 -17.49 13.32
C SER B 249 15.12 -17.09 11.86
N ARG B 250 14.63 -17.94 10.96
CA ARG B 250 14.69 -17.63 9.53
C ARG B 250 13.79 -16.46 9.16
N SER B 251 12.63 -16.34 9.81
CA SER B 251 11.75 -15.20 9.54
C SER B 251 12.38 -13.90 10.01
N VAL B 252 13.00 -13.91 11.19
CA VAL B 252 13.67 -12.70 11.68
C VAL B 252 14.81 -12.32 10.75
N SER B 253 15.57 -13.32 10.28
CA SER B 253 16.66 -13.05 9.35
C SER B 253 16.13 -12.49 8.03
N HIS B 254 15.02 -13.03 7.54
CA HIS B 254 14.42 -12.47 6.32
C HIS B 254 14.04 -11.00 6.54
N MET B 255 13.47 -10.69 7.71
CA MET B 255 13.07 -9.30 7.96
C MET B 255 14.27 -8.37 8.06
N GLN B 256 15.41 -8.88 8.54
CA GLN B 256 16.64 -8.10 8.50
C GLN B 256 17.08 -7.83 7.07
N ASN B 257 17.07 -8.86 6.23
CA ASN B 257 17.38 -8.65 4.81
C ASN B 257 16.39 -7.67 4.19
N GLU B 258 15.13 -7.71 4.60
CA GLU B 258 14.13 -6.83 4.00
C GLU B 258 14.36 -5.39 4.41
N VAL B 259 14.73 -5.15 5.66
CA VAL B 259 15.06 -3.80 6.10
C VAL B 259 16.30 -3.30 5.35
N ARG B 260 17.33 -4.14 5.26
CA ARG B 260 18.53 -3.77 4.50
C ARG B 260 18.18 -3.43 3.06
N ALA B 261 17.50 -4.36 2.35
CA ALA B 261 17.18 -4.12 0.95
C ALA B 261 16.35 -2.85 0.76
N ARG B 262 15.43 -2.57 1.69
CA ARG B 262 14.60 -1.38 1.57
C ARG B 262 15.41 -0.11 1.82
N LEU B 263 16.39 -0.16 2.72
CA LEU B 263 17.24 1.02 2.95
C LEU B 263 18.11 1.32 1.75
N GLU B 264 18.66 0.30 1.11
CA GLU B 264 19.40 0.52 -0.13
C GLU B 264 18.51 1.14 -1.20
N GLN B 265 17.31 0.61 -1.38
CA GLN B 265 16.38 1.21 -2.34
C GLN B 265 16.00 2.61 -1.94
N TYR B 266 15.98 2.90 -0.63
CA TYR B 266 15.68 4.26 -0.21
C TYR B 266 16.74 5.22 -0.73
N LEU B 267 18.02 4.84 -0.62
CA LEU B 267 19.08 5.68 -1.17
C LEU B 267 18.93 5.85 -2.68
N LEU B 268 18.60 4.77 -3.40
CA LEU B 268 18.36 4.89 -4.83
C LEU B 268 17.26 5.90 -5.11
N LEU B 269 16.16 5.83 -4.37
CA LEU B 269 15.06 6.77 -4.62
C LEU B 269 15.47 8.19 -4.25
N GLU B 270 16.30 8.34 -3.22
CA GLU B 270 16.83 9.65 -2.88
C GLU B 270 17.63 10.24 -4.04
N SER B 271 18.41 9.42 -4.73
CA SER B 271 19.18 9.91 -5.87
C SER B 271 18.28 10.36 -7.02
N CYS B 272 17.01 9.94 -7.04
CA CYS B 272 16.09 10.40 -8.08
C CYS B 272 15.47 11.75 -7.76
N LEU B 273 15.63 12.24 -6.53
CA LEU B 273 14.94 13.47 -6.14
C LEU B 273 15.38 14.71 -6.92
N PRO B 274 16.64 14.88 -7.32
CA PRO B 274 16.95 15.99 -8.24
C PRO B 274 16.11 15.96 -9.51
N LYS B 275 16.06 14.81 -10.19
CA LYS B 275 15.26 14.71 -11.40
C LYS B 275 13.77 14.88 -11.12
N VAL B 276 13.32 14.47 -9.93
CA VAL B 276 11.91 14.67 -9.57
C VAL B 276 11.60 16.15 -9.42
N GLY B 277 12.56 16.92 -8.91
CA GLY B 277 12.37 18.36 -8.82
C GLY B 277 12.17 19.03 -10.16
N GLU B 278 12.86 18.54 -11.19
CA GLU B 278 12.68 19.10 -12.53
C GLU B 278 11.32 18.71 -13.11
N ILE B 279 10.89 17.46 -12.91
CA ILE B 279 9.63 16.99 -13.49
C ILE B 279 8.46 17.84 -13.02
N TYR B 280 8.45 18.21 -11.74
CA TYR B 280 7.40 19.05 -11.20
C TYR B 280 7.76 20.53 -11.18
N GLN B 281 8.94 20.89 -11.70
CA GLN B 281 9.33 22.29 -11.90
C GLN B 281 9.31 23.05 -10.57
N LEU B 282 10.17 22.60 -9.66
CA LEU B 282 10.28 23.23 -8.35
C LEU B 282 11.20 24.45 -8.42
N ASP B 283 10.80 25.51 -7.72
CA ASP B 283 11.65 26.70 -7.62
C ASP B 283 12.67 26.50 -6.51
N THR B 284 13.42 27.55 -6.18
CA THR B 284 14.46 27.42 -5.17
C THR B 284 13.88 27.13 -3.79
N ALA B 285 12.78 27.80 -3.43
CA ALA B 285 12.20 27.58 -2.11
C ALA B 285 11.58 26.19 -1.99
N GLU B 286 10.99 25.69 -3.08
CA GLU B 286 10.37 24.37 -3.04
C GLU B 286 11.43 23.27 -2.95
N ARG B 287 12.54 23.41 -3.67
CA ARG B 287 13.58 22.40 -3.57
C ARG B 287 14.22 22.37 -2.20
N GLU B 288 14.31 23.52 -1.53
CA GLU B 288 14.83 23.53 -0.16
C GLU B 288 13.84 22.90 0.81
N ALA B 289 12.53 23.08 0.57
CA ALA B 289 11.54 22.40 1.40
C ALA B 289 11.63 20.88 1.21
N LEU B 290 11.71 20.42 -0.04
CA LEU B 290 11.88 18.99 -0.30
C LEU B 290 13.13 18.45 0.39
N GLU B 291 14.21 19.23 0.39
CA GLU B 291 15.44 18.79 1.05
C GLU B 291 15.23 18.68 2.56
N ARG B 292 14.45 19.60 3.14
CA ARG B 292 14.15 19.51 4.57
C ARG B 292 13.28 18.30 4.87
N TYR B 293 12.29 18.04 4.02
CA TYR B 293 11.46 16.86 4.17
C TYR B 293 12.30 15.59 4.14
N ARG B 294 13.22 15.51 3.18
CA ARG B 294 14.04 14.31 3.02
C ARG B 294 14.91 14.05 4.25
N THR B 295 15.50 15.10 4.83
CA THR B 295 16.46 14.92 5.91
C THR B 295 15.82 15.00 7.29
N ASP B 296 14.80 15.84 7.46
CA ASP B 296 14.24 16.08 8.79
C ASP B 296 12.94 15.31 9.05
N ALA B 297 12.21 14.92 8.01
CA ALA B 297 10.96 14.18 8.17
C ALA B 297 11.11 12.71 7.80
N VAL B 298 11.61 12.41 6.61
CA VAL B 298 11.67 11.02 6.15
C VAL B 298 12.87 10.31 6.77
N ARG B 299 14.08 10.87 6.63
CA ARG B 299 15.26 10.19 7.15
C ARG B 299 15.17 9.97 8.65
N THR B 300 14.62 10.94 9.37
CA THR B 300 14.57 10.86 10.82
C THR B 300 13.58 9.81 11.30
N VAL B 301 12.42 9.69 10.64
CA VAL B 301 11.46 8.68 11.07
C VAL B 301 11.98 7.27 10.79
N ILE B 302 12.87 7.11 9.81
CA ILE B 302 13.51 5.82 9.57
C ILE B 302 14.57 5.55 10.63
N ARG B 303 15.47 6.52 10.84
CA ARG B 303 16.59 6.30 11.76
C ARG B 303 16.16 6.39 13.22
N GLY B 304 15.26 7.32 13.55
CA GLY B 304 14.96 7.57 14.94
C GLY B 304 14.37 6.37 15.65
N SER B 305 13.49 5.63 14.97
CA SER B 305 12.89 4.44 15.58
C SER B 305 13.94 3.38 15.84
N TYR B 306 14.91 3.24 14.93
CA TYR B 306 15.98 2.27 15.13
C TYR B 306 16.80 2.59 16.37
N ASP B 307 17.15 3.86 16.57
CA ASP B 307 17.93 4.23 17.75
C ASP B 307 17.12 4.07 19.02
N TRP B 308 15.83 4.41 18.97
CA TRP B 308 14.98 4.32 20.14
C TRP B 308 14.72 2.87 20.53
N HIS B 309 14.48 2.00 19.54
CA HIS B 309 14.21 0.60 19.85
C HIS B 309 15.42 -0.10 20.46
N ARG B 310 16.62 0.41 20.24
CA ARG B 310 17.82 -0.16 20.85
C ARG B 310 17.97 0.31 22.30
PA FDF C . -13.99 0.41 -15.77
PB FDF C . -15.03 1.84 -17.98
C1 FDF C . -12.13 -1.05 -16.91
O1 FDF C . -13.53 -0.87 -16.65
O1A FDF C . -13.00 0.64 -14.65
O1B FDF C . -14.81 3.20 -18.61
C2 FDF C . -11.74 -0.63 -18.32
O2A FDF C . -15.36 0.16 -15.20
O2B FDF C . -16.46 1.71 -17.51
C3 FDF C . -10.53 -0.10 -18.64
O3A FDF C . -14.04 1.73 -16.70
O3B FDF C . -14.70 0.75 -18.98
C4 FDF C . -10.24 0.30 -20.09
C5 FDF C . -9.52 0.06 -17.50
C6 FDF C . -8.16 -0.58 -17.79
C7 FDF C . -8.25 -2.00 -18.27
C8 FDF C . -7.26 -2.92 -18.05
C9 FDF C . -7.53 -4.31 -18.61
C10 FDF C . -6.00 -2.53 -17.30
C11 FDF C . -8.96 -4.78 -18.43
C12 FDF C . -9.21 -5.03 -16.96
C13 FDF C . -9.14 -6.26 -16.42
C14 FDF C . -9.39 -6.49 -14.94
C15 FDF C . -8.82 -7.41 -17.34
F1 FDF C . -9.14 -8.62 -16.80
F2 FDF C . -9.43 -7.82 -14.62
#